data_8RDG
#
_entry.id   8RDG
#
_cell.length_a   61.380
_cell.length_b   78.089
_cell.length_c   128.282
_cell.angle_alpha   90.00
_cell.angle_beta   90.00
_cell.angle_gamma   90.00
#
_symmetry.space_group_name_H-M   'P 21 21 21'
#
loop_
_entity.id
_entity.type
_entity.pdbx_description
1 polymer 'SDR family NAD(P)-dependent oxidoreductase'
2 non-polymer NICOTINAMIDE-ADENINE-DINUCLEOTIDE
3 water water
#
_entity_poly.entity_id   1
_entity_poly.type   'polypeptide(L)'
_entity_poly.pdbx_seq_one_letter_code
;MRVLVTGGAGFIGSHLVDRLMEEGYKVRVLDDLSAGSLKNIEGWLGNENFEFIKGDMRDVEIVSKAVKDVDAVFHLAANP
EVRIGSQSPELLYETNVLITYNLLNAVRNSGVKYLVFTSSSTVYGDAKVIPTPEDYAPLEPISVYGAAKLAAEALISGYA
HTFDFRALIIRLANIIGKRSNHGVIYDFINKLKANPNELEILGDGTQRKSYLHISDTIDGIMKLFEHFLNGEERVDFYNL
GNEDWITVKEIAEIVSEEMNLNPRFKFTGGVDGGRGWKGDVKLMLLSIEKAKRTGWKPRMNSYEAVRKTVREMLEENILE
HHHHHH
;
_entity_poly.pdbx_strand_id   A,B
#
# COMPACT_ATOMS: atom_id res chain seq x y z
N MET A 1 30.27 -0.22 -8.91
CA MET A 1 29.22 -0.29 -7.90
C MET A 1 28.83 -1.73 -7.67
N ARG A 2 28.54 -2.08 -6.42
CA ARG A 2 28.11 -3.42 -6.03
C ARG A 2 26.59 -3.42 -5.94
N VAL A 3 25.95 -4.33 -6.68
CA VAL A 3 24.48 -4.36 -6.76
C VAL A 3 23.96 -5.77 -6.50
N LEU A 4 22.76 -5.83 -5.91
CA LEU A 4 22.03 -7.07 -5.71
C LEU A 4 20.82 -7.04 -6.62
N VAL A 5 20.61 -8.07 -7.43
CA VAL A 5 19.40 -8.18 -8.25
C VAL A 5 18.57 -9.34 -7.68
N THR A 6 17.52 -9.03 -6.92
CA THR A 6 16.62 -10.09 -6.51
C THR A 6 15.76 -10.46 -7.70
N GLY A 7 15.45 -11.75 -7.81
CA GLY A 7 14.78 -12.26 -8.98
C GLY A 7 15.62 -12.15 -10.24
N GLY A 8 16.93 -12.06 -10.10
CA GLY A 8 17.80 -11.87 -11.25
C GLY A 8 17.89 -13.07 -12.17
N ALA A 9 17.33 -14.20 -11.79
CA ALA A 9 17.27 -15.33 -12.71
C ALA A 9 15.97 -15.39 -13.49
N GLY A 10 15.07 -14.43 -13.29
CA GLY A 10 13.80 -14.39 -13.98
C GLY A 10 13.94 -13.70 -15.32
N PHE A 11 12.81 -13.30 -15.88
CA PHE A 11 12.79 -12.75 -17.23
C PHE A 11 13.44 -11.36 -17.29
N ILE A 12 12.78 -10.38 -16.69
CA ILE A 12 13.34 -9.03 -16.68
C ILE A 12 14.67 -9.05 -15.95
N GLY A 13 14.73 -9.76 -14.83
CA GLY A 13 15.93 -9.76 -14.01
C GLY A 13 17.16 -10.24 -14.77
N SER A 14 17.01 -11.29 -15.57
CA SER A 14 18.17 -11.83 -16.26
C SER A 14 18.63 -10.87 -17.36
N HIS A 15 17.69 -10.20 -18.03
CA HIS A 15 18.13 -9.16 -19.00
C HIS A 15 18.83 -7.99 -18.29
N LEU A 16 18.32 -7.62 -17.11
CA LEU A 16 18.96 -6.56 -16.34
C LEU A 16 20.35 -6.97 -15.90
N VAL A 17 20.48 -8.21 -15.43
CA VAL A 17 21.78 -8.76 -15.04
C VAL A 17 22.75 -8.67 -16.22
N ASP A 18 22.32 -9.11 -17.40
CA ASP A 18 23.15 -8.98 -18.61
C ASP A 18 23.66 -7.55 -18.77
N ARG A 19 22.76 -6.56 -18.69
N ARG A 19 22.77 -6.57 -18.69
CA ARG A 19 23.18 -5.18 -18.91
CA ARG A 19 23.16 -5.17 -18.90
C ARG A 19 24.17 -4.70 -17.84
C ARG A 19 24.16 -4.71 -17.84
N LEU A 20 23.87 -4.98 -16.57
CA LEU A 20 24.74 -4.56 -15.49
C LEU A 20 26.11 -5.25 -15.57
N MET A 21 26.13 -6.54 -15.89
CA MET A 21 27.40 -7.25 -16.04
C MET A 21 28.23 -6.66 -17.18
N GLU A 22 27.57 -6.37 -18.30
CA GLU A 22 28.26 -5.80 -19.45
C GLU A 22 28.74 -4.37 -19.21
N GLU A 23 28.21 -3.68 -18.21
CA GLU A 23 28.75 -2.37 -17.89
C GLU A 23 29.73 -2.38 -16.71
N GLY A 24 30.17 -3.56 -16.27
CA GLY A 24 31.18 -3.64 -15.24
C GLY A 24 30.70 -3.46 -13.81
N TYR A 25 29.40 -3.50 -13.56
CA TYR A 25 28.92 -3.60 -12.19
C TYR A 25 29.32 -4.96 -11.60
N LYS A 26 29.52 -4.98 -10.28
CA LYS A 26 29.66 -6.24 -9.56
C LYS A 26 28.27 -6.69 -9.14
N VAL A 27 27.81 -7.82 -9.66
CA VAL A 27 26.41 -8.20 -9.56
C VAL A 27 26.26 -9.48 -8.75
N ARG A 28 25.44 -9.41 -7.72
CA ARG A 28 24.96 -10.57 -6.98
C ARG A 28 23.49 -10.79 -7.30
N VAL A 29 23.12 -12.02 -7.64
CA VAL A 29 21.74 -12.40 -7.92
C VAL A 29 21.26 -13.22 -6.73
N LEU A 30 20.05 -12.92 -6.25
CA LEU A 30 19.35 -13.74 -5.27
C LEU A 30 18.06 -14.18 -5.91
N ASP A 31 17.88 -15.50 -6.04
CA ASP A 31 16.68 -16.01 -6.70
C ASP A 31 16.39 -17.40 -6.14
N ASP A 32 15.11 -17.68 -5.85
CA ASP A 32 14.80 -19.01 -5.34
C ASP A 32 14.51 -20.00 -6.47
N LEU A 33 14.54 -19.53 -7.73
CA LEU A 33 14.30 -20.37 -8.90
C LEU A 33 12.92 -21.02 -8.85
N SER A 34 11.97 -20.35 -8.19
CA SER A 34 10.60 -20.83 -8.24
C SER A 34 9.99 -20.60 -9.62
N ALA A 35 10.45 -19.57 -10.34
CA ALA A 35 10.03 -19.33 -11.71
C ALA A 35 11.23 -19.05 -12.60
N GLY A 36 12.31 -18.52 -12.04
CA GLY A 36 13.49 -18.24 -12.83
C GLY A 36 14.32 -19.49 -13.07
N SER A 37 15.40 -19.31 -13.83
CA SER A 37 16.28 -20.41 -14.17
C SER A 37 17.70 -19.89 -14.30
N LEU A 38 18.64 -20.66 -13.75
CA LEU A 38 20.04 -20.39 -13.94
C LEU A 38 20.40 -20.30 -15.41
N LYS A 39 19.65 -21.01 -16.26
CA LYS A 39 19.89 -20.94 -17.70
C LYS A 39 19.81 -19.52 -18.22
N ASN A 40 18.97 -18.68 -17.61
CA ASN A 40 18.83 -17.31 -18.07
C ASN A 40 20.09 -16.46 -17.83
N ILE A 41 21.01 -16.93 -16.98
CA ILE A 41 22.18 -16.14 -16.59
C ILE A 41 23.46 -16.99 -16.62
N GLU A 42 23.37 -18.19 -17.21
CA GLU A 42 24.44 -19.17 -17.07
C GLU A 42 25.77 -18.68 -17.65
N GLY A 43 25.74 -17.84 -18.69
CA GLY A 43 26.97 -17.29 -19.23
C GLY A 43 27.79 -16.48 -18.24
N TRP A 44 27.19 -16.03 -17.14
CA TRP A 44 27.92 -15.25 -16.16
C TRP A 44 28.50 -16.10 -15.03
N LEU A 45 28.10 -17.36 -14.89
CA LEU A 45 28.61 -18.19 -13.81
C LEU A 45 30.11 -18.35 -13.95
N GLY A 46 30.84 -18.11 -12.86
CA GLY A 46 32.28 -18.12 -12.91
C GLY A 46 32.92 -16.77 -13.15
N ASN A 47 32.16 -15.80 -13.68
CA ASN A 47 32.70 -14.46 -13.86
C ASN A 47 33.04 -13.84 -12.51
N GLU A 48 34.23 -13.24 -12.42
CA GLU A 48 34.66 -12.73 -11.12
C GLU A 48 33.78 -11.59 -10.61
N ASN A 49 32.95 -10.97 -11.47
CA ASN A 49 32.05 -9.90 -11.03
C ASN A 49 30.64 -10.40 -10.75
N PHE A 50 30.42 -11.70 -10.76
CA PHE A 50 29.09 -12.26 -10.67
C PHE A 50 29.05 -13.28 -9.54
N GLU A 51 27.98 -13.23 -8.76
CA GLU A 51 27.74 -14.22 -7.72
C GLU A 51 26.26 -14.59 -7.76
N PHE A 52 25.96 -15.88 -7.68
CA PHE A 52 24.57 -16.33 -7.65
C PHE A 52 24.29 -16.98 -6.30
N ILE A 53 23.20 -16.57 -5.66
CA ILE A 53 22.71 -17.16 -4.41
C ILE A 53 21.30 -17.67 -4.65
N LYS A 54 21.11 -18.98 -4.48
CA LYS A 54 19.79 -19.58 -4.51
C LYS A 54 19.21 -19.50 -3.11
N GLY A 55 18.13 -18.73 -2.96
CA GLY A 55 17.55 -18.53 -1.65
C GLY A 55 16.16 -17.94 -1.73
N ASP A 56 15.32 -18.35 -0.80
CA ASP A 56 13.96 -17.84 -0.73
C ASP A 56 13.97 -16.60 0.16
N MET A 57 13.47 -15.47 -0.38
CA MET A 57 13.46 -14.23 0.39
C MET A 57 12.48 -14.25 1.55
N ARG A 58 11.69 -15.31 1.69
CA ARG A 58 10.98 -15.50 2.94
C ARG A 58 11.93 -15.76 4.11
N ASP A 59 13.17 -16.18 3.84
CA ASP A 59 14.15 -16.48 4.90
C ASP A 59 14.98 -15.22 5.17
N VAL A 60 14.77 -14.62 6.35
CA VAL A 60 15.40 -13.34 6.64
C VAL A 60 16.92 -13.46 6.72
N GLU A 61 17.46 -14.59 7.16
CA GLU A 61 18.91 -14.74 7.22
C GLU A 61 19.52 -14.65 5.83
N ILE A 62 18.86 -15.27 4.85
CA ILE A 62 19.38 -15.23 3.48
C ILE A 62 19.32 -13.82 2.92
N VAL A 63 18.25 -13.08 3.23
CA VAL A 63 18.14 -11.71 2.74
C VAL A 63 19.19 -10.81 3.38
N SER A 64 19.39 -10.95 4.70
CA SER A 64 20.41 -10.15 5.39
C SER A 64 21.79 -10.43 4.84
N LYS A 65 22.06 -11.70 4.51
CA LYS A 65 23.34 -12.04 3.91
C LYS A 65 23.46 -11.46 2.50
N ALA A 66 22.37 -11.46 1.74
CA ALA A 66 22.47 -11.02 0.35
C ALA A 66 22.66 -9.50 0.23
N VAL A 67 22.20 -8.71 1.21
CA VAL A 67 22.40 -7.27 1.08
C VAL A 67 23.76 -6.80 1.59
N LYS A 68 24.55 -7.69 2.20
CA LYS A 68 25.81 -7.25 2.79
C LYS A 68 26.79 -6.77 1.71
N ASP A 69 27.38 -5.58 1.93
CA ASP A 69 28.39 -5.01 1.04
C ASP A 69 27.83 -4.68 -0.33
N VAL A 70 26.57 -4.33 -0.40
CA VAL A 70 25.89 -3.97 -1.64
C VAL A 70 25.58 -2.48 -1.59
N ASP A 71 25.77 -1.79 -2.72
CA ASP A 71 25.47 -0.37 -2.81
C ASP A 71 24.07 -0.12 -3.32
N ALA A 72 23.58 -0.95 -4.25
CA ALA A 72 22.25 -0.74 -4.78
C ALA A 72 21.55 -2.09 -4.89
N VAL A 73 20.24 -2.10 -4.63
CA VAL A 73 19.42 -3.30 -4.76
C VAL A 73 18.38 -3.04 -5.85
N PHE A 74 18.35 -3.90 -6.87
CA PHE A 74 17.28 -3.96 -7.84
C PHE A 74 16.35 -5.09 -7.42
N HIS A 75 15.18 -4.75 -6.93
CA HIS A 75 14.27 -5.71 -6.31
C HIS A 75 13.23 -6.09 -7.37
N LEU A 76 13.53 -7.18 -8.09
CA LEU A 76 12.66 -7.70 -9.14
C LEU A 76 12.01 -9.01 -8.77
N ALA A 77 12.36 -9.61 -7.62
CA ALA A 77 11.71 -10.85 -7.21
C ALA A 77 10.24 -10.58 -6.91
N ALA A 78 9.37 -11.38 -7.51
CA ALA A 78 7.93 -11.35 -7.22
C ALA A 78 7.29 -12.54 -7.92
N ASN A 79 6.02 -12.78 -7.60
CA ASN A 79 5.21 -13.61 -8.47
C ASN A 79 4.35 -12.64 -9.25
N PRO A 80 4.57 -12.49 -10.55
CA PRO A 80 3.87 -11.49 -11.37
C PRO A 80 2.53 -11.93 -11.96
N GLU A 81 2.02 -13.10 -11.60
CA GLU A 81 0.81 -13.67 -12.22
C GLU A 81 -0.46 -13.06 -11.63
N VAL A 82 -1.06 -12.11 -12.34
CA VAL A 82 -2.30 -11.49 -11.87
C VAL A 82 -3.43 -12.50 -11.82
N ARG A 83 -3.46 -13.44 -12.78
CA ARG A 83 -4.60 -14.35 -12.91
C ARG A 83 -4.85 -15.18 -11.67
N ILE A 84 -3.79 -15.51 -10.91
CA ILE A 84 -3.90 -16.42 -9.77
C ILE A 84 -4.49 -15.74 -8.55
N GLY A 85 -4.86 -14.45 -8.66
CA GLY A 85 -5.29 -13.70 -7.49
C GLY A 85 -6.54 -14.25 -6.83
N SER A 86 -7.49 -14.75 -7.60
CA SER A 86 -8.70 -15.18 -6.90
C SER A 86 -8.62 -16.61 -6.40
N GLN A 87 -7.63 -17.39 -6.81
CA GLN A 87 -7.40 -18.72 -6.25
C GLN A 87 -6.30 -18.76 -5.20
N SER A 88 -5.22 -18.01 -5.40
CA SER A 88 -4.04 -18.07 -4.55
C SER A 88 -3.61 -16.67 -4.09
N PRO A 89 -4.48 -15.93 -3.40
CA PRO A 89 -4.04 -14.61 -2.91
C PRO A 89 -2.87 -14.70 -1.96
N GLU A 90 -2.76 -15.78 -1.18
CA GLU A 90 -1.65 -15.93 -0.25
C GLU A 90 -0.30 -15.90 -0.97
N LEU A 91 -0.20 -16.57 -2.12
CA LEU A 91 1.06 -16.58 -2.85
C LEU A 91 1.47 -15.17 -3.27
N LEU A 92 0.51 -14.40 -3.80
CA LEU A 92 0.79 -13.04 -4.24
C LEU A 92 1.19 -12.16 -3.06
N TYR A 93 0.50 -12.30 -1.92
CA TYR A 93 0.89 -11.53 -0.73
C TYR A 93 2.32 -11.88 -0.31
N GLU A 94 2.64 -13.16 -0.23
CA GLU A 94 3.95 -13.58 0.26
C GLU A 94 5.07 -13.12 -0.66
N THR A 95 4.89 -13.27 -1.96
CA THR A 95 5.95 -12.97 -2.92
C THR A 95 5.99 -11.51 -3.34
N ASN A 96 5.01 -10.69 -2.93
CA ASN A 96 5.10 -9.26 -3.21
C ASN A 96 5.19 -8.42 -1.95
N VAL A 97 4.32 -8.64 -0.96
CA VAL A 97 4.39 -7.82 0.25
C VAL A 97 5.43 -8.37 1.22
N LEU A 98 5.34 -9.64 1.59
CA LEU A 98 6.15 -10.18 2.67
C LEU A 98 7.64 -10.15 2.34
N ILE A 99 8.03 -10.58 1.14
CA ILE A 99 9.47 -10.61 0.87
C ILE A 99 10.01 -9.19 0.68
N THR A 100 9.20 -8.24 0.22
CA THR A 100 9.67 -6.86 0.16
C THR A 100 9.88 -6.31 1.57
N TYR A 101 8.96 -6.64 2.48
CA TYR A 101 9.15 -6.28 3.89
C TYR A 101 10.46 -6.86 4.43
N ASN A 102 10.72 -8.15 4.17
CA ASN A 102 11.97 -8.77 4.62
C ASN A 102 13.18 -8.04 4.04
N LEU A 103 13.13 -7.74 2.74
CA LEU A 103 14.21 -7.00 2.09
C LEU A 103 14.44 -5.67 2.79
N LEU A 104 13.35 -4.95 3.10
CA LEU A 104 13.48 -3.64 3.71
C LEU A 104 14.08 -3.74 5.10
N ASN A 105 13.70 -4.78 5.87
CA ASN A 105 14.33 -4.96 7.18
C ASN A 105 15.81 -5.27 7.04
N ALA A 106 16.18 -6.00 5.98
CA ALA A 106 17.59 -6.27 5.74
C ALA A 106 18.36 -5.02 5.32
N VAL A 107 17.72 -4.14 4.55
CA VAL A 107 18.38 -2.96 4.00
C VAL A 107 18.70 -1.96 5.10
N ARG A 108 17.89 -1.94 6.14
CA ARG A 108 18.07 -1.02 7.25
C ARG A 108 19.47 -1.20 7.87
N ASN A 109 20.23 -0.10 7.89
CA ASN A 109 21.60 -0.04 8.45
C ASN A 109 22.59 -0.93 7.71
N SER A 110 22.37 -1.18 6.44
CA SER A 110 23.24 -2.09 5.70
C SER A 110 24.18 -1.35 4.78
N GLY A 111 24.05 -0.05 4.69
CA GLY A 111 24.89 0.68 3.76
C GLY A 111 24.42 0.62 2.33
N VAL A 112 23.35 -0.13 2.03
CA VAL A 112 22.67 0.02 0.76
C VAL A 112 22.21 1.45 0.65
N LYS A 113 22.55 2.10 -0.46
CA LYS A 113 22.17 3.48 -0.69
C LYS A 113 20.95 3.63 -1.58
N TYR A 114 20.70 2.68 -2.48
CA TYR A 114 19.63 2.82 -3.46
C TYR A 114 18.85 1.52 -3.55
N LEU A 115 17.54 1.66 -3.68
CA LEU A 115 16.64 0.54 -3.92
C LEU A 115 15.81 0.89 -5.14
N VAL A 116 15.94 0.10 -6.19
CA VAL A 116 15.15 0.23 -7.39
C VAL A 116 14.10 -0.86 -7.37
N PHE A 117 12.84 -0.51 -7.56
CA PHE A 117 11.74 -1.46 -7.46
C PHE A 117 10.93 -1.45 -8.74
N THR A 118 10.75 -2.64 -9.34
CA THR A 118 9.86 -2.78 -10.49
C THR A 118 8.44 -3.00 -9.97
N SER A 119 7.70 -1.90 -9.87
CA SER A 119 6.28 -1.91 -9.58
C SER A 119 5.54 -2.16 -10.89
N SER A 120 4.21 -1.98 -10.87
CA SER A 120 3.37 -2.39 -11.99
C SER A 120 2.31 -1.32 -12.23
N SER A 121 1.91 -1.18 -13.50
CA SER A 121 0.76 -0.36 -13.85
C SER A 121 -0.50 -0.75 -13.09
N THR A 122 -0.59 -2.00 -12.60
CA THR A 122 -1.77 -2.47 -11.89
C THR A 122 -1.99 -1.75 -10.56
N VAL A 123 -1.00 -1.01 -10.04
CA VAL A 123 -1.28 -0.21 -8.85
C VAL A 123 -2.34 0.84 -9.14
N TYR A 124 -2.52 1.23 -10.40
CA TYR A 124 -3.51 2.27 -10.71
C TYR A 124 -4.92 1.72 -10.82
N GLY A 125 -5.08 0.39 -10.86
CA GLY A 125 -6.39 -0.19 -11.03
C GLY A 125 -6.96 0.14 -12.40
N ASP A 126 -8.28 0.29 -12.46
CA ASP A 126 -8.94 0.82 -13.66
C ASP A 126 -8.78 2.34 -13.62
N ALA A 127 -7.60 2.78 -14.06
CA ALA A 127 -7.27 4.21 -13.99
C ALA A 127 -8.27 4.99 -14.81
N LYS A 128 -8.79 6.07 -14.22
CA LYS A 128 -9.79 6.89 -14.90
C LYS A 128 -9.17 7.91 -15.84
N VAL A 129 -7.91 8.29 -15.61
CA VAL A 129 -7.23 9.26 -16.45
C VAL A 129 -6.30 8.50 -17.38
N ILE A 130 -6.41 8.75 -18.68
CA ILE A 130 -5.62 8.05 -19.70
C ILE A 130 -5.08 9.08 -20.70
N PRO A 131 -3.76 9.14 -20.98
CA PRO A 131 -2.67 8.34 -20.39
C PRO A 131 -2.53 8.66 -18.91
N THR A 132 -2.12 7.68 -18.12
CA THR A 132 -2.17 7.82 -16.66
C THR A 132 -0.87 8.42 -16.15
N PRO A 133 -0.91 9.57 -15.48
CA PRO A 133 0.32 10.14 -14.90
C PRO A 133 0.68 9.52 -13.55
N GLU A 134 1.93 9.74 -13.16
CA GLU A 134 2.43 9.19 -11.89
C GLU A 134 1.69 9.75 -10.68
N ASP A 135 1.13 10.96 -10.77
CA ASP A 135 0.39 11.50 -9.63
C ASP A 135 -1.10 11.24 -9.72
N TYR A 136 -1.52 10.27 -10.53
CA TYR A 136 -2.91 9.86 -10.54
C TYR A 136 -3.30 9.24 -9.19
N ALA A 137 -4.49 9.60 -8.71
CA ALA A 137 -5.02 9.09 -7.44
C ALA A 137 -6.50 9.39 -7.39
N PRO A 138 -7.26 8.75 -6.47
CA PRO A 138 -6.86 7.74 -5.46
C PRO A 138 -6.37 6.48 -6.15
N LEU A 139 -5.29 5.89 -5.66
CA LEU A 139 -4.83 4.61 -6.19
C LEU A 139 -5.75 3.52 -5.65
N GLU A 140 -6.39 2.80 -6.56
CA GLU A 140 -7.45 1.83 -6.21
C GLU A 140 -7.23 0.56 -7.01
N PRO A 141 -6.22 -0.24 -6.65
CA PRO A 141 -5.98 -1.48 -7.42
C PRO A 141 -7.16 -2.42 -7.32
N ILE A 142 -7.39 -3.16 -8.40
CA ILE A 142 -8.53 -4.06 -8.49
C ILE A 142 -8.12 -5.51 -8.43
N SER A 143 -6.83 -5.82 -8.31
CA SER A 143 -6.39 -7.19 -8.17
C SER A 143 -5.56 -7.32 -6.91
N VAL A 144 -5.49 -8.56 -6.42
CA VAL A 144 -4.60 -8.83 -5.30
C VAL A 144 -3.16 -8.53 -5.68
N TYR A 145 -2.78 -8.78 -6.94
CA TYR A 145 -1.42 -8.50 -7.37
C TYR A 145 -1.13 -7.01 -7.35
N GLY A 146 -2.02 -6.20 -7.94
CA GLY A 146 -1.81 -4.77 -7.96
C GLY A 146 -1.84 -4.17 -6.57
N ALA A 147 -2.72 -4.69 -5.71
CA ALA A 147 -2.73 -4.27 -4.32
C ALA A 147 -1.41 -4.60 -3.64
N ALA A 148 -0.86 -5.79 -3.90
CA ALA A 148 0.39 -6.19 -3.24
C ALA A 148 1.55 -5.33 -3.72
N LYS A 149 1.56 -5.01 -5.02
CA LYS A 149 2.57 -4.09 -5.55
C LYS A 149 2.46 -2.71 -4.92
N LEU A 150 1.24 -2.20 -4.76
CA LEU A 150 1.06 -0.90 -4.12
C LEU A 150 1.51 -0.91 -2.66
N ALA A 151 1.18 -2.00 -1.95
CA ALA A 151 1.61 -2.16 -0.57
C ALA A 151 3.14 -2.18 -0.47
N ALA A 152 3.79 -2.86 -1.40
CA ALA A 152 5.24 -2.88 -1.44
C ALA A 152 5.81 -1.48 -1.67
N GLU A 153 5.24 -0.72 -2.61
CA GLU A 153 5.68 0.67 -2.82
C GLU A 153 5.60 1.47 -1.53
N ALA A 154 4.46 1.37 -0.85
CA ALA A 154 4.28 2.12 0.39
C ALA A 154 5.36 1.77 1.42
N LEU A 155 5.58 0.47 1.65
CA LEU A 155 6.61 0.10 2.63
C LEU A 155 7.97 0.63 2.22
N ILE A 156 8.29 0.56 0.93
CA ILE A 156 9.56 1.09 0.43
C ILE A 156 9.70 2.56 0.77
N SER A 157 8.65 3.34 0.52
CA SER A 157 8.73 4.78 0.78
C SER A 157 8.95 5.05 2.26
N GLY A 158 8.19 4.37 3.13
CA GLY A 158 8.34 4.59 4.56
C GLY A 158 9.71 4.20 5.08
N TYR A 159 10.25 3.07 4.62
CA TYR A 159 11.58 2.67 5.06
C TYR A 159 12.65 3.59 4.51
N ALA A 160 12.54 4.00 3.24
CA ALA A 160 13.53 4.92 2.67
C ALA A 160 13.62 6.18 3.51
N HIS A 161 12.46 6.76 3.87
CA HIS A 161 12.47 7.97 4.68
C HIS A 161 12.97 7.71 6.10
N THR A 162 12.64 6.56 6.68
CA THR A 162 12.96 6.33 8.07
C THR A 162 14.42 5.93 8.26
N PHE A 163 15.00 5.18 7.32
CA PHE A 163 16.34 4.63 7.50
C PHE A 163 17.32 5.16 6.47
N ASP A 164 16.96 6.25 5.80
CA ASP A 164 17.88 7.08 5.02
C ASP A 164 18.58 6.29 3.91
N PHE A 165 17.78 5.81 2.97
CA PHE A 165 18.27 5.40 1.66
C PHE A 165 17.33 6.00 0.63
N ARG A 166 17.64 5.84 -0.65
CA ARG A 166 16.86 6.43 -1.72
C ARG A 166 16.22 5.32 -2.54
N ALA A 167 15.01 5.57 -3.02
CA ALA A 167 14.20 4.56 -3.69
C ALA A 167 13.71 5.10 -5.02
N LEU A 168 13.86 4.28 -6.06
CA LEU A 168 13.37 4.57 -7.39
C LEU A 168 12.27 3.56 -7.70
N ILE A 169 11.04 4.03 -7.80
CA ILE A 169 9.90 3.13 -8.00
C ILE A 169 9.46 3.27 -9.45
N ILE A 170 9.56 2.18 -10.22
CA ILE A 170 9.31 2.20 -11.65
C ILE A 170 8.07 1.36 -11.89
N ARG A 171 6.99 1.99 -12.31
CA ARG A 171 5.74 1.28 -12.61
C ARG A 171 5.78 0.81 -14.06
N LEU A 172 5.94 -0.49 -14.25
CA LEU A 172 6.08 -1.04 -15.59
C LEU A 172 4.71 -1.30 -16.20
N ALA A 173 4.59 -1.04 -17.51
CA ALA A 173 3.48 -1.57 -18.29
C ALA A 173 3.73 -3.06 -18.56
N ASN A 174 3.13 -3.64 -19.60
CA ASN A 174 3.36 -5.05 -19.90
C ASN A 174 4.67 -5.20 -20.67
N ILE A 175 5.56 -6.04 -20.15
CA ILE A 175 6.92 -6.22 -20.68
C ILE A 175 6.99 -7.58 -21.37
N ILE A 176 7.47 -7.60 -22.62
CA ILE A 176 7.49 -8.83 -23.39
C ILE A 176 8.83 -9.00 -24.06
N GLY A 177 9.19 -10.25 -24.33
CA GLY A 177 10.44 -10.52 -25.02
C GLY A 177 10.93 -11.92 -24.72
N LYS A 178 12.14 -12.18 -25.22
CA LYS A 178 12.78 -13.48 -25.01
C LYS A 178 12.97 -13.76 -23.52
N ARG A 179 12.81 -15.04 -23.14
CA ARG A 179 12.90 -15.61 -21.79
C ARG A 179 11.62 -15.39 -20.99
N SER A 180 10.62 -14.72 -21.54
CA SER A 180 9.35 -14.57 -20.83
C SER A 180 8.59 -15.89 -20.81
N ASN A 181 8.10 -16.29 -19.63
CA ASN A 181 7.28 -17.48 -19.51
C ASN A 181 5.93 -17.19 -18.87
N HIS A 182 5.43 -15.96 -18.99
CA HIS A 182 4.08 -15.64 -18.56
C HIS A 182 3.53 -14.57 -19.49
N GLY A 183 2.22 -14.38 -19.43
CA GLY A 183 1.55 -13.33 -20.17
C GLY A 183 0.87 -13.88 -21.42
N VAL A 184 0.22 -12.97 -22.15
CA VAL A 184 -0.74 -13.40 -23.15
C VAL A 184 -0.04 -13.98 -24.38
N ILE A 185 1.13 -13.44 -24.75
CA ILE A 185 1.85 -13.93 -25.92
C ILE A 185 2.35 -15.35 -25.67
N TYR A 186 3.01 -15.55 -24.52
CA TYR A 186 3.46 -16.86 -24.10
C TYR A 186 2.32 -17.87 -24.14
N ASP A 187 1.19 -17.49 -23.54
N ASP A 187 1.18 -17.51 -23.55
CA ASP A 187 0.01 -18.35 -23.48
CA ASP A 187 0.06 -18.43 -23.51
C ASP A 187 -0.46 -18.71 -24.88
C ASP A 187 -0.45 -18.73 -24.91
N PHE A 188 -0.54 -17.71 -25.78
CA PHE A 188 -1.07 -17.93 -27.11
C PHE A 188 -0.15 -18.84 -27.95
N ILE A 189 1.15 -18.59 -27.88
CA ILE A 189 2.08 -19.40 -28.64
C ILE A 189 2.04 -20.85 -28.16
N ASN A 190 2.02 -21.06 -26.84
CA ASN A 190 2.02 -22.45 -26.37
C ASN A 190 0.69 -23.14 -26.63
N LYS A 191 -0.42 -22.39 -26.57
CA LYS A 191 -1.72 -22.96 -26.91
C LYS A 191 -1.76 -23.40 -28.37
N LEU A 192 -1.23 -22.56 -29.27
CA LEU A 192 -1.26 -22.89 -30.69
C LEU A 192 -0.23 -23.96 -31.06
N LYS A 193 0.83 -24.11 -30.27
CA LYS A 193 1.71 -25.26 -30.46
C LYS A 193 1.00 -26.55 -30.06
N ALA A 194 0.17 -26.51 -29.01
CA ALA A 194 -0.59 -27.68 -28.58
C ALA A 194 -1.76 -28.01 -29.52
N ASN A 195 -2.42 -26.99 -30.08
CA ASN A 195 -3.55 -27.20 -30.96
C ASN A 195 -3.64 -26.02 -31.93
N PRO A 196 -3.19 -26.20 -33.18
CA PRO A 196 -3.15 -25.06 -34.12
C PRO A 196 -4.52 -24.65 -34.64
N ASN A 197 -5.58 -25.40 -34.35
CA ASN A 197 -6.86 -25.16 -35.00
C ASN A 197 -7.77 -24.23 -34.21
N GLU A 198 -7.53 -24.06 -32.92
CA GLU A 198 -8.38 -23.24 -32.05
C GLU A 198 -7.51 -22.46 -31.09
N LEU A 199 -8.01 -21.31 -30.67
CA LEU A 199 -7.29 -20.45 -29.72
C LEU A 199 -8.24 -20.01 -28.62
N GLU A 200 -8.02 -20.52 -27.41
CA GLU A 200 -8.77 -20.09 -26.23
C GLU A 200 -8.27 -18.73 -25.77
N ILE A 201 -9.11 -17.71 -25.90
CA ILE A 201 -8.78 -16.34 -25.51
C ILE A 201 -9.63 -15.97 -24.31
N LEU A 202 -8.98 -15.70 -23.17
CA LEU A 202 -9.70 -15.30 -21.97
C LEU A 202 -10.22 -13.87 -22.10
N GLY A 203 -11.51 -13.68 -21.81
CA GLY A 203 -12.14 -12.38 -21.96
C GLY A 203 -12.73 -12.22 -23.34
N ASP A 204 -13.10 -10.98 -23.66
CA ASP A 204 -13.76 -10.70 -24.93
C ASP A 204 -12.80 -10.17 -25.97
N GLY A 205 -11.51 -10.08 -25.66
CA GLY A 205 -10.50 -9.62 -26.59
C GLY A 205 -10.38 -8.12 -26.71
N THR A 206 -11.17 -7.34 -25.99
CA THR A 206 -11.14 -5.89 -26.16
C THR A 206 -10.21 -5.18 -25.18
N GLN A 207 -9.63 -5.89 -24.21
CA GLN A 207 -8.72 -5.23 -23.27
C GLN A 207 -7.56 -4.59 -24.02
N ARG A 208 -7.30 -3.31 -23.74
CA ARG A 208 -6.26 -2.54 -24.41
C ARG A 208 -5.14 -2.20 -23.42
N LYS A 209 -3.91 -2.55 -23.75
CA LYS A 209 -2.80 -2.39 -22.82
C LYS A 209 -1.56 -1.98 -23.58
N SER A 210 -0.70 -1.21 -22.92
CA SER A 210 0.58 -0.78 -23.47
C SER A 210 1.65 -1.85 -23.24
N TYR A 211 2.37 -2.19 -24.31
CA TYR A 211 3.42 -3.19 -24.30
C TYR A 211 4.77 -2.57 -24.63
N LEU A 212 5.80 -3.00 -23.90
CA LEU A 212 7.19 -2.59 -24.11
C LEU A 212 8.04 -3.84 -24.32
N HIS A 213 8.90 -3.82 -25.34
CA HIS A 213 9.85 -4.91 -25.53
C HIS A 213 10.92 -4.85 -24.44
N ILE A 214 11.46 -6.02 -24.06
CA ILE A 214 12.44 -6.07 -22.98
C ILE A 214 13.63 -5.15 -23.25
N SER A 215 14.03 -5.00 -24.52
CA SER A 215 15.19 -4.15 -24.81
C SER A 215 14.93 -2.69 -24.41
N ASP A 216 13.77 -2.16 -24.83
CA ASP A 216 13.39 -0.81 -24.40
C ASP A 216 13.24 -0.74 -22.89
N THR A 217 12.73 -1.80 -22.28
CA THR A 217 12.50 -1.79 -20.85
C THR A 217 13.81 -1.68 -20.08
N ILE A 218 14.81 -2.49 -20.46
CA ILE A 218 16.11 -2.43 -19.79
C ILE A 218 16.79 -1.09 -20.05
N ASP A 219 16.75 -0.60 -21.29
CA ASP A 219 17.26 0.74 -21.59
C ASP A 219 16.62 1.77 -20.68
N GLY A 220 15.30 1.69 -20.49
CA GLY A 220 14.61 2.68 -19.68
C GLY A 220 14.97 2.58 -18.22
N ILE A 221 15.08 1.35 -17.71
CA ILE A 221 15.46 1.17 -16.31
C ILE A 221 16.84 1.78 -16.07
N MET A 222 17.78 1.54 -16.98
CA MET A 222 19.12 2.09 -16.79
C MET A 222 19.12 3.61 -16.92
N LYS A 223 18.39 4.15 -17.89
CA LYS A 223 18.30 5.60 -18.03
C LYS A 223 17.74 6.23 -16.77
N LEU A 224 16.62 5.68 -16.27
CA LEU A 224 16.03 6.19 -15.05
C LEU A 224 16.96 6.05 -13.86
N PHE A 225 17.66 4.91 -13.76
CA PHE A 225 18.56 4.69 -12.65
C PHE A 225 19.70 5.70 -12.65
N GLU A 226 20.30 5.95 -13.82
CA GLU A 226 21.42 6.90 -13.87
C GLU A 226 20.94 8.32 -13.58
N HIS A 227 19.77 8.70 -14.12
CA HIS A 227 19.20 10.00 -13.82
C HIS A 227 18.92 10.13 -12.32
N PHE A 228 18.37 9.08 -11.72
CA PHE A 228 18.09 9.05 -10.30
C PHE A 228 19.36 9.19 -9.47
N LEU A 229 20.42 8.48 -9.85
CA LEU A 229 21.70 8.58 -9.15
C LEU A 229 22.18 10.02 -9.13
N ASN A 230 21.93 10.76 -10.21
CA ASN A 230 22.35 12.16 -10.20
C ASN A 230 21.36 13.13 -9.55
N GLY A 231 20.17 12.67 -9.14
CA GLY A 231 19.16 13.55 -8.61
C GLY A 231 19.18 13.63 -7.10
N GLU A 232 18.21 14.37 -6.56
CA GLU A 232 18.14 14.64 -5.12
C GLU A 232 16.94 14.03 -4.43
N GLU A 233 15.98 13.48 -5.18
CA GLU A 233 14.75 12.98 -4.59
C GLU A 233 14.99 11.74 -3.74
N ARG A 234 14.38 11.72 -2.56
CA ARG A 234 14.45 10.56 -1.69
C ARG A 234 13.73 9.36 -2.31
N VAL A 235 12.50 9.58 -2.79
CA VAL A 235 11.69 8.57 -3.45
C VAL A 235 11.21 9.18 -4.76
N ASP A 236 11.41 8.45 -5.86
CA ASP A 236 11.06 8.96 -7.19
C ASP A 236 10.17 7.93 -7.86
N PHE A 237 9.07 8.38 -8.46
CA PHE A 237 8.09 7.51 -9.10
C PHE A 237 8.14 7.75 -10.61
N TYR A 238 8.30 6.67 -11.39
CA TYR A 238 8.30 6.74 -12.84
C TYR A 238 7.42 5.67 -13.45
N ASN A 239 6.58 6.06 -14.41
CA ASN A 239 5.97 5.11 -15.34
C ASN A 239 6.97 4.75 -16.43
N LEU A 240 6.90 3.50 -16.87
CA LEU A 240 7.69 3.03 -18.01
C LEU A 240 6.73 2.18 -18.83
N GLY A 241 6.29 2.73 -19.95
CA GLY A 241 5.42 2.01 -20.85
C GLY A 241 5.59 2.52 -22.26
N ASN A 242 4.73 2.11 -23.18
CA ASN A 242 4.85 2.59 -24.54
C ASN A 242 3.96 3.81 -24.75
N GLU A 243 4.13 4.43 -25.93
CA GLU A 243 3.29 5.55 -26.34
C GLU A 243 1.89 5.11 -26.73
N ASP A 244 1.68 3.84 -27.06
CA ASP A 244 0.39 3.38 -27.56
C ASP A 244 -0.06 2.10 -26.86
N TRP A 245 -1.14 1.50 -27.33
CA TRP A 245 -1.67 0.29 -26.72
C TRP A 245 -2.26 -0.58 -27.81
N ILE A 246 -2.63 -1.82 -27.42
CA ILE A 246 -3.06 -2.82 -28.37
C ILE A 246 -4.04 -3.75 -27.68
N THR A 247 -4.97 -4.33 -28.45
CA THR A 247 -5.97 -5.19 -27.84
C THR A 247 -5.50 -6.64 -27.82
N VAL A 248 -6.10 -7.40 -26.91
CA VAL A 248 -5.81 -8.83 -26.83
C VAL A 248 -6.11 -9.50 -28.17
N LYS A 249 -7.20 -9.10 -28.82
CA LYS A 249 -7.57 -9.69 -30.09
C LYS A 249 -6.50 -9.44 -31.15
N GLU A 250 -5.98 -8.22 -31.21
CA GLU A 250 -4.91 -7.89 -32.15
C GLU A 250 -3.66 -8.70 -31.85
N ILE A 251 -3.37 -8.94 -30.57
CA ILE A 251 -2.23 -9.77 -30.22
C ILE A 251 -2.42 -11.18 -30.75
N ALA A 252 -3.64 -11.73 -30.59
CA ALA A 252 -3.92 -13.07 -31.11
C ALA A 252 -3.75 -13.12 -32.62
N GLU A 253 -4.17 -12.06 -33.31
CA GLU A 253 -4.00 -12.00 -34.76
C GLU A 253 -2.53 -11.98 -35.15
N ILE A 254 -1.72 -11.18 -34.46
CA ILE A 254 -0.28 -11.14 -34.77
C ILE A 254 0.35 -12.51 -34.50
N VAL A 255 -0.01 -13.15 -33.39
CA VAL A 255 0.57 -14.45 -33.07
C VAL A 255 0.22 -15.45 -34.15
N SER A 256 -1.07 -15.52 -34.50
CA SER A 256 -1.53 -16.41 -35.56
C SER A 256 -0.78 -16.15 -36.86
N GLU A 257 -0.71 -14.88 -37.27
CA GLU A 257 -0.01 -14.48 -38.49
C GLU A 257 1.43 -14.99 -38.51
N GLU A 258 2.20 -14.70 -37.47
CA GLU A 258 3.59 -15.09 -37.46
C GLU A 258 3.78 -16.60 -37.40
N MET A 259 2.80 -17.35 -36.87
CA MET A 259 2.90 -18.80 -36.87
C MET A 259 2.30 -19.43 -38.12
N ASN A 260 1.80 -18.60 -39.04
CA ASN A 260 1.15 -19.07 -40.27
C ASN A 260 -0.01 -20.00 -39.97
N LEU A 261 -0.78 -19.66 -38.94
CA LEU A 261 -1.95 -20.44 -38.58
C LEU A 261 -3.18 -19.56 -38.75
N ASN A 262 -4.33 -20.21 -38.90
CA ASN A 262 -5.62 -19.51 -38.92
C ASN A 262 -6.55 -20.26 -37.97
N PRO A 263 -6.38 -20.08 -36.67
CA PRO A 263 -7.23 -20.79 -35.72
C PRO A 263 -8.54 -20.05 -35.53
N ARG A 264 -9.53 -20.80 -35.02
CA ARG A 264 -10.75 -20.15 -34.55
C ARG A 264 -10.48 -19.55 -33.18
N PHE A 265 -10.82 -18.27 -33.05
CA PHE A 265 -10.68 -17.59 -31.77
C PHE A 265 -11.88 -17.98 -30.92
N LYS A 266 -11.61 -18.53 -29.73
CA LYS A 266 -12.70 -18.89 -28.82
C LYS A 266 -12.59 -17.96 -27.62
N PHE A 267 -13.38 -16.88 -27.65
CA PHE A 267 -13.43 -15.92 -26.56
C PHE A 267 -14.30 -16.46 -25.44
N THR A 268 -13.79 -16.40 -24.21
CA THR A 268 -14.54 -16.93 -23.08
C THR A 268 -15.62 -15.98 -22.59
N GLY A 269 -15.71 -14.76 -23.11
CA GLY A 269 -16.67 -13.79 -22.61
C GLY A 269 -16.32 -13.15 -21.29
N GLY A 270 -15.44 -13.78 -20.51
CA GLY A 270 -14.81 -13.17 -19.34
C GLY A 270 -15.71 -12.98 -18.14
N VAL A 271 -15.37 -11.94 -17.35
CA VAL A 271 -16.11 -11.60 -16.13
C VAL A 271 -16.07 -10.09 -15.96
N ASP A 272 -17.02 -9.59 -15.18
CA ASP A 272 -17.08 -8.17 -14.82
C ASP A 272 -17.00 -7.29 -16.07
N GLY A 273 -17.64 -7.74 -17.16
CA GLY A 273 -17.67 -6.94 -18.36
C GLY A 273 -16.58 -7.25 -19.38
N GLY A 274 -16.28 -8.54 -19.57
CA GLY A 274 -15.34 -8.96 -20.59
C GLY A 274 -13.90 -9.06 -20.17
N ARG A 275 -13.57 -8.84 -18.89
CA ARG A 275 -12.22 -9.05 -18.39
C ARG A 275 -11.85 -10.53 -18.46
N GLY A 276 -10.56 -10.82 -18.64
CA GLY A 276 -10.13 -12.20 -18.75
C GLY A 276 -10.24 -12.97 -17.46
N TRP A 277 -10.12 -12.27 -16.33
CA TRP A 277 -10.18 -12.88 -15.02
C TRP A 277 -10.56 -11.78 -14.05
N LYS A 278 -10.93 -12.18 -12.83
CA LYS A 278 -11.12 -11.23 -11.74
C LYS A 278 -9.89 -10.35 -11.59
N GLY A 279 -10.09 -9.03 -11.62
CA GLY A 279 -8.99 -8.13 -11.38
C GLY A 279 -8.20 -7.73 -12.62
N ASP A 280 -8.61 -8.19 -13.79
CA ASP A 280 -7.92 -7.86 -15.02
C ASP A 280 -8.30 -6.46 -15.46
N VAL A 281 -7.33 -5.55 -15.49
CA VAL A 281 -7.58 -4.18 -15.92
C VAL A 281 -7.97 -4.14 -17.41
N LYS A 282 -9.00 -3.36 -17.73
CA LYS A 282 -9.51 -3.31 -19.11
C LYS A 282 -8.70 -2.37 -20.00
N LEU A 283 -8.34 -1.20 -19.49
CA LEU A 283 -7.65 -0.18 -20.26
C LEU A 283 -6.40 0.26 -19.50
N MET A 284 -5.25 0.19 -20.14
CA MET A 284 -4.02 0.64 -19.50
C MET A 284 -3.15 1.36 -20.51
N LEU A 285 -2.80 2.60 -20.18
CA LEU A 285 -1.90 3.40 -21.02
C LEU A 285 -1.25 4.40 -20.07
N LEU A 286 0.04 4.22 -19.82
CA LEU A 286 0.76 5.06 -18.87
C LEU A 286 1.34 6.27 -19.58
N SER A 287 1.22 7.44 -18.96
CA SER A 287 1.97 8.59 -19.44
C SER A 287 3.47 8.36 -19.19
N ILE A 288 4.29 8.59 -20.21
CA ILE A 288 5.74 8.46 -20.08
C ILE A 288 6.43 9.80 -20.28
N GLU A 289 5.73 10.92 -20.07
CA GLU A 289 6.38 12.21 -20.22
C GLU A 289 7.54 12.37 -19.27
N LYS A 290 7.36 11.96 -18.01
CA LYS A 290 8.42 12.08 -17.02
C LYS A 290 9.65 11.25 -17.41
N ALA A 291 9.42 9.99 -17.82
CA ALA A 291 10.54 9.17 -18.25
C ALA A 291 11.22 9.76 -19.48
N LYS A 292 10.44 10.33 -20.39
CA LYS A 292 11.04 10.89 -21.59
C LYS A 292 11.90 12.10 -21.29
N ARG A 293 11.67 12.77 -20.15
CA ARG A 293 12.56 13.88 -19.82
C ARG A 293 14.00 13.42 -19.56
N THR A 294 14.24 12.13 -19.29
CA THR A 294 15.61 11.64 -19.15
C THR A 294 16.28 11.38 -20.49
N GLY A 295 15.58 11.56 -21.60
CA GLY A 295 16.09 11.20 -22.90
C GLY A 295 15.68 9.82 -23.40
N TRP A 296 15.13 8.97 -22.53
CA TRP A 296 14.67 7.67 -22.96
C TRP A 296 13.44 7.78 -23.86
N LYS A 297 13.34 6.90 -24.84
CA LYS A 297 12.09 6.67 -25.55
C LYS A 297 12.10 5.26 -26.13
N PRO A 298 10.93 4.63 -26.22
CA PRO A 298 10.87 3.29 -26.81
C PRO A 298 11.20 3.35 -28.30
N ARG A 299 12.00 2.39 -28.75
CA ARG A 299 12.30 2.27 -30.16
C ARG A 299 11.19 1.54 -30.92
N MET A 300 10.40 0.73 -30.25
CA MET A 300 9.31 -0.01 -30.86
C MET A 300 7.99 0.35 -30.20
N ASN A 301 6.94 0.55 -31.00
CA ASN A 301 5.63 0.73 -30.40
C ASN A 301 5.08 -0.64 -30.00
N SER A 302 3.85 -0.67 -29.46
CA SER A 302 3.31 -1.90 -28.91
C SER A 302 3.20 -3.00 -29.97
N TYR A 303 2.72 -2.65 -31.17
CA TYR A 303 2.55 -3.62 -32.23
C TYR A 303 3.89 -4.20 -32.67
N GLU A 304 4.88 -3.34 -32.84
CA GLU A 304 6.22 -3.80 -33.20
C GLU A 304 6.83 -4.66 -32.10
N ALA A 305 6.62 -4.27 -30.83
CA ALA A 305 7.17 -5.06 -29.74
C ALA A 305 6.53 -6.46 -29.69
N VAL A 306 5.22 -6.52 -29.87
CA VAL A 306 4.53 -7.81 -29.94
C VAL A 306 5.08 -8.65 -31.09
N ARG A 307 5.17 -8.06 -32.29
CA ARG A 307 5.62 -8.82 -33.45
C ARG A 307 7.05 -9.31 -33.26
N LYS A 308 7.94 -8.47 -32.72
CA LYS A 308 9.31 -8.88 -32.48
C LYS A 308 9.38 -10.00 -31.43
N THR A 309 8.60 -9.88 -30.35
CA THR A 309 8.60 -10.92 -29.32
C THR A 309 8.17 -12.26 -29.90
N VAL A 310 7.09 -12.26 -30.69
CA VAL A 310 6.63 -13.51 -31.30
C VAL A 310 7.71 -14.10 -32.18
N ARG A 311 8.29 -13.29 -33.06
CA ARG A 311 9.35 -13.79 -33.92
C ARG A 311 10.50 -14.38 -33.10
N GLU A 312 10.94 -13.66 -32.05
CA GLU A 312 12.02 -14.18 -31.20
C GLU A 312 11.64 -15.51 -30.56
N MET A 313 10.40 -15.63 -30.08
CA MET A 313 9.99 -16.84 -29.39
C MET A 313 9.85 -18.02 -30.34
N LEU A 314 9.51 -17.78 -31.61
CA LEU A 314 9.41 -18.89 -32.55
C LEU A 314 10.76 -19.36 -33.11
N GLU A 315 11.80 -18.54 -33.08
CA GLU A 315 13.11 -18.97 -33.57
C GLU A 315 13.77 -20.01 -32.65
N MET B 1 -28.65 -4.79 11.53
CA MET B 1 -27.46 -5.29 10.83
C MET B 1 -26.45 -5.83 11.85
N ARG B 2 -25.73 -6.89 11.49
CA ARG B 2 -24.72 -7.45 12.37
C ARG B 2 -23.33 -6.99 11.94
N VAL B 3 -22.60 -6.42 12.90
CA VAL B 3 -21.30 -5.81 12.62
C VAL B 3 -20.25 -6.32 13.60
N LEU B 4 -19.03 -6.36 13.13
CA LEU B 4 -17.85 -6.68 13.92
C LEU B 4 -17.02 -5.42 14.02
N VAL B 5 -16.62 -5.03 15.22
CA VAL B 5 -15.69 -3.93 15.40
C VAL B 5 -14.37 -4.50 15.91
N THR B 6 -13.36 -4.57 15.05
CA THR B 6 -12.05 -4.95 15.54
C THR B 6 -11.43 -3.74 16.24
N GLY B 7 -10.69 -4.00 17.32
CA GLY B 7 -10.24 -2.92 18.17
C GLY B 7 -11.36 -2.20 18.89
N GLY B 8 -12.50 -2.88 19.05
CA GLY B 8 -13.66 -2.25 19.64
C GLY B 8 -13.52 -1.92 21.12
N ALA B 9 -12.46 -2.37 21.79
CA ALA B 9 -12.25 -1.98 23.18
C ALA B 9 -11.30 -0.79 23.31
N GLY B 10 -10.84 -0.24 22.19
CA GLY B 10 -9.93 0.88 22.19
C GLY B 10 -10.66 2.19 22.29
N PHE B 11 -9.94 3.27 21.98
CA PHE B 11 -10.47 4.62 22.16
C PHE B 11 -11.59 4.87 21.15
N ILE B 12 -11.26 4.92 19.86
CA ILE B 12 -12.30 5.17 18.86
C ILE B 12 -13.29 4.02 18.81
N GLY B 13 -12.80 2.79 18.83
CA GLY B 13 -13.67 1.64 18.68
C GLY B 13 -14.75 1.56 19.73
N SER B 14 -14.43 1.88 20.99
CA SER B 14 -15.45 1.73 22.04
C SER B 14 -16.53 2.78 21.90
N HIS B 15 -16.17 4.00 21.50
CA HIS B 15 -17.18 5.01 21.20
C HIS B 15 -18.04 4.61 20.02
N LEU B 16 -17.41 3.99 19.01
CA LEU B 16 -18.17 3.49 17.87
C LEU B 16 -19.12 2.39 18.30
N VAL B 17 -18.65 1.48 19.14
CA VAL B 17 -19.50 0.44 19.71
C VAL B 17 -20.69 1.06 20.43
N ASP B 18 -20.44 2.07 21.28
CA ASP B 18 -21.54 2.77 21.95
C ASP B 18 -22.60 3.21 20.95
N ARG B 19 -22.16 3.89 19.89
CA ARG B 19 -23.10 4.42 18.90
C ARG B 19 -23.85 3.31 18.18
N LEU B 20 -23.15 2.27 17.73
CA LEU B 20 -23.81 1.17 17.02
C LEU B 20 -24.81 0.45 17.94
N MET B 21 -24.44 0.26 19.21
CA MET B 21 -25.35 -0.39 20.14
C MET B 21 -26.61 0.45 20.34
N GLU B 22 -26.43 1.77 20.46
CA GLU B 22 -27.58 2.66 20.65
C GLU B 22 -28.48 2.72 19.43
N GLU B 23 -27.96 2.42 18.23
CA GLU B 23 -28.78 2.42 17.03
C GLU B 23 -29.35 1.05 16.70
N GLY B 24 -29.26 0.09 17.62
CA GLY B 24 -29.88 -1.19 17.44
C GLY B 24 -29.14 -2.18 16.57
N TYR B 25 -27.89 -1.91 16.22
CA TYR B 25 -27.07 -2.93 15.59
C TYR B 25 -26.77 -4.06 16.56
N LYS B 26 -26.58 -5.25 16.01
CA LYS B 26 -25.99 -6.35 16.76
C LYS B 26 -24.48 -6.23 16.62
N VAL B 27 -23.77 -6.06 17.74
CA VAL B 27 -22.36 -5.70 17.73
C VAL B 27 -21.53 -6.82 18.34
N ARG B 28 -20.51 -7.24 17.60
CA ARG B 28 -19.44 -8.08 18.12
C ARG B 28 -18.15 -7.27 18.13
N VAL B 29 -17.42 -7.34 19.23
CA VAL B 29 -16.12 -6.69 19.37
C VAL B 29 -15.04 -7.76 19.31
N LEU B 30 -13.97 -7.50 18.57
CA LEU B 30 -12.77 -8.32 18.63
C LEU B 30 -11.61 -7.44 19.08
N ASP B 31 -11.02 -7.78 20.22
CA ASP B 31 -9.92 -6.96 20.74
C ASP B 31 -9.05 -7.84 21.63
N ASP B 32 -7.73 -7.72 21.51
CA ASP B 32 -6.83 -8.50 22.35
C ASP B 32 -6.46 -7.79 23.66
N LEU B 33 -7.00 -6.59 23.87
CA LEU B 33 -6.75 -5.75 25.03
C LEU B 33 -5.27 -5.44 25.19
N SER B 34 -4.55 -5.40 24.08
CA SER B 34 -3.16 -4.95 24.12
C SER B 34 -3.06 -3.46 24.42
N ALA B 35 -4.04 -2.66 23.98
CA ALA B 35 -4.05 -1.24 24.36
C ALA B 35 -5.43 -0.82 24.85
N GLY B 36 -6.48 -1.49 24.37
CA GLY B 36 -7.82 -1.17 24.81
C GLY B 36 -8.08 -1.76 26.20
N SER B 37 -9.30 -1.55 26.68
CA SER B 37 -9.60 -2.01 28.03
C SER B 37 -11.05 -2.45 28.10
N LEU B 38 -11.30 -3.51 28.88
CA LEU B 38 -12.66 -3.98 29.09
C LEU B 38 -13.57 -2.88 29.63
N LYS B 39 -13.03 -1.97 30.45
CA LYS B 39 -13.84 -0.90 31.03
C LYS B 39 -14.53 -0.06 29.97
N ASN B 40 -13.93 0.07 28.78
CA ASN B 40 -14.50 0.90 27.74
C ASN B 40 -15.81 0.35 27.16
N ILE B 41 -16.09 -0.94 27.35
CA ILE B 41 -17.27 -1.55 26.73
C ILE B 41 -18.02 -2.48 27.68
N GLU B 42 -17.56 -2.59 28.93
CA GLU B 42 -18.11 -3.63 29.81
C GLU B 42 -19.60 -3.40 30.06
N GLY B 43 -20.07 -2.15 30.00
CA GLY B 43 -21.48 -1.86 30.20
C GLY B 43 -22.42 -2.56 29.25
N TRP B 44 -21.92 -3.02 28.11
CA TRP B 44 -22.77 -3.71 27.16
C TRP B 44 -22.84 -5.21 27.37
N LEU B 45 -21.96 -5.77 28.20
CA LEU B 45 -22.04 -7.20 28.47
C LEU B 45 -23.35 -7.51 29.19
N GLY B 46 -24.02 -8.57 28.74
CA GLY B 46 -25.35 -8.88 29.19
C GLY B 46 -26.45 -8.39 28.28
N ASN B 47 -26.18 -7.36 27.47
CA ASN B 47 -27.11 -6.99 26.41
C ASN B 47 -27.14 -8.11 25.38
N GLU B 48 -28.34 -8.53 24.98
CA GLU B 48 -28.45 -9.64 24.05
C GLU B 48 -27.90 -9.32 22.67
N ASN B 49 -27.66 -8.05 22.37
CA ASN B 49 -27.16 -7.64 21.06
C ASN B 49 -25.65 -7.48 21.03
N PHE B 50 -24.94 -7.85 22.10
CA PHE B 50 -23.51 -7.56 22.22
C PHE B 50 -22.71 -8.83 22.51
N GLU B 51 -21.56 -8.97 21.84
CA GLU B 51 -20.65 -10.07 22.13
C GLU B 51 -19.22 -9.54 22.11
N PHE B 52 -18.41 -9.99 23.07
CA PHE B 52 -17.01 -9.62 23.14
C PHE B 52 -16.13 -10.84 22.89
N ILE B 53 -15.15 -10.70 22.01
CA ILE B 53 -14.17 -11.74 21.74
C ILE B 53 -12.81 -11.15 22.06
N LYS B 54 -12.16 -11.68 23.09
CA LYS B 54 -10.78 -11.32 23.38
C LYS B 54 -9.90 -12.23 22.55
N GLY B 55 -9.26 -11.67 21.53
CA GLY B 55 -8.48 -12.47 20.61
C GLY B 55 -7.52 -11.58 19.85
N ASP B 56 -6.37 -12.13 19.53
CA ASP B 56 -5.33 -11.46 18.76
C ASP B 56 -5.57 -11.76 17.28
N MET B 57 -5.66 -10.71 16.45
CA MET B 57 -5.92 -10.91 15.04
C MET B 57 -4.74 -11.53 14.29
N ARG B 58 -3.61 -11.73 14.94
CA ARG B 58 -2.58 -12.59 14.36
C ARG B 58 -3.03 -14.04 14.28
N ASP B 59 -4.07 -14.40 15.04
CA ASP B 59 -4.62 -15.76 15.09
C ASP B 59 -5.72 -15.87 14.04
N VAL B 60 -5.46 -16.61 12.97
CA VAL B 60 -6.42 -16.70 11.88
C VAL B 60 -7.72 -17.36 12.34
N GLU B 61 -7.64 -18.34 13.25
CA GLU B 61 -8.85 -19.03 13.69
C GLU B 61 -9.81 -18.08 14.41
N ILE B 62 -9.30 -17.21 15.28
CA ILE B 62 -10.20 -16.31 16.01
C ILE B 62 -10.79 -15.27 15.05
N VAL B 63 -10.04 -14.82 14.06
CA VAL B 63 -10.58 -13.88 13.07
C VAL B 63 -11.69 -14.56 12.27
N SER B 64 -11.46 -15.80 11.84
CA SER B 64 -12.48 -16.53 11.11
C SER B 64 -13.73 -16.72 11.96
N LYS B 65 -13.56 -16.99 13.25
CA LYS B 65 -14.72 -17.09 14.13
C LYS B 65 -15.43 -15.74 14.23
N ALA B 66 -14.67 -14.66 14.29
CA ALA B 66 -15.27 -13.35 14.54
C ALA B 66 -16.06 -12.82 13.35
N VAL B 67 -15.70 -13.22 12.12
CA VAL B 67 -16.48 -12.72 10.97
C VAL B 67 -17.72 -13.55 10.66
N LYS B 68 -17.93 -14.67 11.34
CA LYS B 68 -19.09 -15.50 11.03
C LYS B 68 -20.38 -14.77 11.35
N ASP B 69 -21.35 -14.84 10.42
CA ASP B 69 -22.69 -14.27 10.61
C ASP B 69 -22.67 -12.75 10.74
N VAL B 70 -21.68 -12.10 10.14
CA VAL B 70 -21.52 -10.65 10.25
C VAL B 70 -21.78 -10.05 8.88
N ASP B 71 -22.46 -8.91 8.87
CA ASP B 71 -22.75 -8.21 7.62
C ASP B 71 -21.70 -7.15 7.30
N ALA B 72 -21.17 -6.47 8.31
CA ALA B 72 -20.21 -5.40 8.11
C ALA B 72 -19.08 -5.51 9.13
N VAL B 73 -17.86 -5.16 8.72
CA VAL B 73 -16.73 -5.10 9.62
C VAL B 73 -16.22 -3.67 9.67
N PHE B 74 -16.11 -3.12 10.87
CA PHE B 74 -15.38 -1.88 11.14
C PHE B 74 -14.01 -2.28 11.70
N HIS B 75 -12.96 -2.08 10.91
CA HIS B 75 -11.62 -2.59 11.23
C HIS B 75 -10.82 -1.44 11.85
N LEU B 76 -10.85 -1.34 13.18
CA LEU B 76 -10.15 -0.27 13.89
C LEU B 76 -8.95 -0.78 14.68
N ALA B 77 -8.74 -2.08 14.77
CA ALA B 77 -7.57 -2.59 15.44
C ALA B 77 -6.32 -2.17 14.67
N ALA B 78 -5.35 -1.62 15.37
CA ALA B 78 -4.06 -1.25 14.80
C ALA B 78 -3.08 -1.08 15.96
N ASN B 79 -1.81 -0.85 15.61
CA ASN B 79 -0.77 -0.45 16.54
C ASN B 79 -1.24 0.73 17.38
N PRO B 80 -0.84 0.83 18.64
CA PRO B 80 -1.34 1.91 19.47
C PRO B 80 -0.75 3.24 19.05
N GLU B 81 -1.50 4.30 19.31
CA GLU B 81 -1.11 5.66 18.92
C GLU B 81 -0.13 6.26 19.91
N VAL B 82 0.10 5.60 21.04
CA VAL B 82 1.03 6.06 22.06
C VAL B 82 2.46 5.93 21.55
N ARG B 83 3.16 7.06 21.47
CA ARG B 83 4.56 7.10 21.03
C ARG B 83 4.84 6.24 19.79
N ILE B 84 4.30 6.64 18.65
CA ILE B 84 4.45 5.80 17.45
C ILE B 84 5.87 5.91 16.89
N GLY B 85 6.62 6.93 17.32
CA GLY B 85 7.97 7.09 16.82
C GLY B 85 8.90 5.98 17.30
N SER B 86 8.69 5.51 18.52
CA SER B 86 9.53 4.51 19.15
C SER B 86 9.06 3.08 18.89
N GLN B 87 8.00 2.89 18.10
CA GLN B 87 7.53 1.53 17.82
C GLN B 87 8.34 0.95 16.68
N SER B 88 8.66 -0.34 16.80
CA SER B 88 9.58 -0.98 15.87
C SER B 88 8.87 -1.29 14.56
N PRO B 89 9.62 -1.41 13.46
CA PRO B 89 8.96 -1.74 12.19
C PRO B 89 8.21 -3.05 12.22
N GLU B 90 8.75 -4.05 12.94
CA GLU B 90 8.08 -5.35 12.98
C GLU B 90 6.71 -5.23 13.63
N LEU B 91 6.62 -4.49 14.74
CA LEU B 91 5.33 -4.32 15.39
C LEU B 91 4.35 -3.61 14.46
N LEU B 92 4.82 -2.57 13.76
CA LEU B 92 3.94 -1.82 12.88
C LEU B 92 3.47 -2.68 11.72
N TYR B 93 4.36 -3.48 11.14
CA TYR B 93 3.95 -4.37 10.05
C TYR B 93 2.92 -5.37 10.55
N GLU B 94 3.17 -6.00 11.70
CA GLU B 94 2.26 -7.01 12.20
C GLU B 94 0.89 -6.43 12.52
N THR B 95 0.84 -5.27 13.19
CA THR B 95 -0.44 -4.72 13.62
C THR B 95 -1.13 -3.86 12.56
N ASN B 96 -0.50 -3.64 11.40
CA ASN B 96 -1.21 -2.96 10.33
C ASN B 96 -1.39 -3.81 9.08
N VAL B 97 -0.31 -4.39 8.56
CA VAL B 97 -0.42 -5.18 7.34
C VAL B 97 -0.89 -6.59 7.66
N LEU B 98 -0.23 -7.26 8.60
CA LEU B 98 -0.50 -8.68 8.83
C LEU B 98 -1.93 -8.91 9.30
N ILE B 99 -2.39 -8.14 10.30
CA ILE B 99 -3.71 -8.47 10.82
C ILE B 99 -4.79 -8.03 9.83
N THR B 100 -4.51 -7.00 9.02
CA THR B 100 -5.48 -6.65 7.98
C THR B 100 -5.54 -7.75 6.93
N TYR B 101 -4.38 -8.31 6.58
CA TYR B 101 -4.34 -9.43 5.65
C TYR B 101 -5.14 -10.62 6.19
N ASN B 102 -4.94 -10.95 7.48
CA ASN B 102 -5.74 -12.01 8.10
C ASN B 102 -7.24 -11.68 8.02
N LEU B 103 -7.62 -10.45 8.32
CA LEU B 103 -9.02 -10.06 8.22
C LEU B 103 -9.55 -10.28 6.81
N LEU B 104 -8.79 -9.86 5.79
CA LEU B 104 -9.29 -9.95 4.42
C LEU B 104 -9.46 -11.41 4.00
N ASN B 105 -8.53 -12.27 4.39
CA ASN B 105 -8.66 -13.69 4.07
C ASN B 105 -9.84 -14.31 4.79
N ALA B 106 -10.12 -13.87 6.01
CA ALA B 106 -11.32 -14.35 6.68
C ALA B 106 -12.58 -13.86 5.98
N VAL B 107 -12.56 -12.63 5.50
CA VAL B 107 -13.74 -12.01 4.90
C VAL B 107 -14.08 -12.68 3.57
N ARG B 108 -13.07 -13.08 2.80
CA ARG B 108 -13.42 -13.63 1.49
C ARG B 108 -14.23 -14.92 1.60
N ASN B 109 -14.15 -15.62 2.73
CA ASN B 109 -14.92 -16.83 2.98
C ASN B 109 -16.07 -16.59 3.96
N SER B 110 -16.67 -15.40 3.92
CA SER B 110 -17.75 -15.03 4.81
C SER B 110 -18.93 -14.39 4.08
N GLY B 111 -19.90 -13.91 4.84
CA GLY B 111 -21.01 -13.12 4.35
C GLY B 111 -20.79 -11.63 4.50
N VAL B 112 -19.60 -11.20 4.92
CA VAL B 112 -19.32 -9.77 5.04
C VAL B 112 -19.50 -9.06 3.71
N LYS B 113 -20.35 -8.04 3.70
CA LYS B 113 -20.59 -7.23 2.52
C LYS B 113 -19.86 -5.88 2.55
N TYR B 114 -19.55 -5.36 3.73
CA TYR B 114 -18.94 -4.05 3.86
C TYR B 114 -17.78 -4.12 4.85
N LEU B 115 -16.70 -3.43 4.51
CA LEU B 115 -15.54 -3.28 5.37
C LEU B 115 -15.21 -1.79 5.46
N VAL B 116 -15.26 -1.23 6.65
CA VAL B 116 -14.87 0.15 6.93
C VAL B 116 -13.51 0.13 7.60
N PHE B 117 -12.58 0.94 7.12
CA PHE B 117 -11.21 0.95 7.63
C PHE B 117 -10.84 2.36 8.05
N THR B 118 -10.38 2.51 9.29
CA THR B 118 -9.82 3.78 9.76
C THR B 118 -8.35 3.82 9.37
N SER B 119 -8.06 4.46 8.24
CA SER B 119 -6.71 4.78 7.84
C SER B 119 -6.27 6.08 8.53
N SER B 120 -5.15 6.67 8.10
CA SER B 120 -4.57 7.80 8.81
C SER B 120 -4.08 8.85 7.84
N SER B 121 -4.11 10.11 8.28
CA SER B 121 -3.48 11.21 7.53
C SER B 121 -2.03 10.91 7.19
N THR B 122 -1.38 10.03 7.96
CA THR B 122 0.03 9.76 7.73
C THR B 122 0.32 9.10 6.39
N VAL B 123 -0.68 8.54 5.72
CA VAL B 123 -0.42 7.97 4.41
C VAL B 123 -0.01 9.04 3.44
N TYR B 124 -0.34 10.31 3.73
CA TYR B 124 0.02 11.39 2.82
C TYR B 124 1.46 11.84 2.98
N GLY B 125 2.13 11.44 4.06
CA GLY B 125 3.48 11.94 4.26
C GLY B 125 3.49 13.44 4.45
N ASP B 126 4.58 14.06 4.02
CA ASP B 126 4.69 15.52 3.99
C ASP B 126 4.00 16.03 2.73
N ALA B 127 2.68 16.11 2.79
CA ALA B 127 1.92 16.52 1.62
C ALA B 127 2.29 17.95 1.20
N LYS B 128 2.49 18.14 -0.09
CA LYS B 128 2.86 19.46 -0.61
C LYS B 128 1.63 20.36 -0.78
N VAL B 129 0.44 19.78 -0.91
CA VAL B 129 -0.81 20.53 -1.01
C VAL B 129 -1.57 20.41 0.31
N ILE B 130 -1.93 21.56 0.88
CA ILE B 130 -2.64 21.64 2.16
C ILE B 130 -3.75 22.69 2.03
N PRO B 131 -5.02 22.37 2.39
CA PRO B 131 -5.52 21.08 2.89
C PRO B 131 -5.36 19.98 1.85
N THR B 132 -5.03 18.77 2.31
CA THR B 132 -4.65 17.70 1.41
C THR B 132 -5.90 16.94 0.98
N PRO B 133 -6.19 16.88 -0.32
CA PRO B 133 -7.39 16.15 -0.79
C PRO B 133 -7.12 14.65 -0.93
N GLU B 134 -8.20 13.89 -1.07
CA GLU B 134 -8.09 12.44 -1.14
C GLU B 134 -7.29 11.99 -2.37
N ASP B 135 -7.30 12.77 -3.45
CA ASP B 135 -6.59 12.37 -4.66
C ASP B 135 -5.18 12.95 -4.74
N TYR B 136 -4.61 13.38 -3.61
CA TYR B 136 -3.23 13.83 -3.58
C TYR B 136 -2.29 12.66 -3.89
N ALA B 137 -1.29 12.90 -4.73
CA ALA B 137 -0.38 11.84 -5.12
C ALA B 137 0.87 12.45 -5.75
N PRO B 138 1.98 11.70 -5.85
CA PRO B 138 2.21 10.32 -5.38
C PRO B 138 2.15 10.23 -3.86
N LEU B 139 1.54 9.18 -3.33
CA LEU B 139 1.55 8.95 -1.89
C LEU B 139 2.93 8.49 -1.48
N GLU B 140 3.55 9.23 -0.57
CA GLU B 140 4.94 9.00 -0.20
C GLU B 140 5.03 9.12 1.31
N PRO B 141 4.53 8.13 2.05
CA PRO B 141 4.58 8.21 3.51
C PRO B 141 6.03 8.26 3.97
N ILE B 142 6.26 8.97 5.09
CA ILE B 142 7.61 9.19 5.58
C ILE B 142 7.90 8.42 6.86
N SER B 143 6.95 7.64 7.36
CA SER B 143 7.16 6.79 8.51
C SER B 143 6.75 5.36 8.16
N VAL B 144 7.27 4.42 8.93
CA VAL B 144 6.83 3.04 8.76
C VAL B 144 5.35 2.92 9.11
N TYR B 145 4.87 3.68 10.09
CA TYR B 145 3.44 3.63 10.46
C TYR B 145 2.56 4.11 9.31
N GLY B 146 2.91 5.24 8.70
CA GLY B 146 2.11 5.73 7.58
C GLY B 146 2.18 4.79 6.38
N ALA B 147 3.38 4.24 6.14
CA ALA B 147 3.53 3.25 5.07
C ALA B 147 2.70 2.00 5.35
N ALA B 148 2.66 1.54 6.60
CA ALA B 148 1.89 0.34 6.93
C ALA B 148 0.40 0.59 6.76
N LYS B 149 -0.07 1.80 7.12
CA LYS B 149 -1.48 2.12 6.87
C LYS B 149 -1.79 2.13 5.38
N LEU B 150 -0.91 2.72 4.58
CA LEU B 150 -1.15 2.72 3.13
C LEU B 150 -1.14 1.31 2.56
N ALA B 151 -0.24 0.45 3.05
CA ALA B 151 -0.23 -0.94 2.62
C ALA B 151 -1.54 -1.63 2.93
N ALA B 152 -2.09 -1.39 4.14
CA ALA B 152 -3.39 -1.94 4.48
C ALA B 152 -4.48 -1.46 3.54
N GLU B 153 -4.49 -0.16 3.22
CA GLU B 153 -5.49 0.36 2.27
C GLU B 153 -5.40 -0.39 0.93
N ALA B 154 -4.18 -0.55 0.42
CA ALA B 154 -4.02 -1.20 -0.87
C ALA B 154 -4.59 -2.62 -0.85
N LEU B 155 -4.21 -3.40 0.18
CA LEU B 155 -4.72 -4.76 0.26
C LEU B 155 -6.23 -4.80 0.32
N ILE B 156 -6.83 -3.90 1.11
CA ILE B 156 -8.28 -3.83 1.22
C ILE B 156 -8.90 -3.59 -0.15
N SER B 157 -8.37 -2.63 -0.89
CA SER B 157 -8.95 -2.30 -2.20
C SER B 157 -8.90 -3.49 -3.14
N GLY B 158 -7.73 -4.16 -3.21
CA GLY B 158 -7.59 -5.30 -4.11
C GLY B 158 -8.48 -6.47 -3.74
N TYR B 159 -8.58 -6.78 -2.44
CA TYR B 159 -9.46 -7.85 -2.02
C TYR B 159 -10.92 -7.49 -2.28
N ALA B 160 -11.27 -6.23 -2.06
CA ALA B 160 -12.65 -5.81 -2.27
C ALA B 160 -13.05 -6.09 -3.71
N HIS B 161 -12.18 -5.69 -4.67
CA HIS B 161 -12.51 -5.92 -6.07
C HIS B 161 -12.47 -7.40 -6.44
N THR B 162 -11.54 -8.16 -5.85
CA THR B 162 -11.36 -9.55 -6.28
C THR B 162 -12.40 -10.49 -5.70
N PHE B 163 -12.85 -10.23 -4.46
CA PHE B 163 -13.73 -11.13 -3.75
C PHE B 163 -15.09 -10.50 -3.45
N ASP B 164 -15.44 -9.42 -4.15
CA ASP B 164 -16.81 -8.90 -4.23
C ASP B 164 -17.38 -8.52 -2.86
N PHE B 165 -16.71 -7.58 -2.20
CA PHE B 165 -17.33 -6.85 -1.10
C PHE B 165 -16.97 -5.40 -1.29
N ARG B 166 -17.53 -4.52 -0.47
CA ARG B 166 -17.35 -3.09 -0.64
C ARG B 166 -16.58 -2.52 0.54
N ALA B 167 -15.70 -1.55 0.27
CA ALA B 167 -14.77 -1.05 1.28
C ALA B 167 -14.86 0.46 1.36
N LEU B 168 -14.93 0.97 2.57
CA LEU B 168 -14.97 2.40 2.85
C LEU B 168 -13.72 2.74 3.64
N ILE B 169 -12.82 3.50 3.04
CA ILE B 169 -11.55 3.81 3.65
C ILE B 169 -11.60 5.25 4.13
N ILE B 170 -11.44 5.46 5.43
CA ILE B 170 -11.58 6.77 6.05
C ILE B 170 -10.22 7.16 6.60
N ARG B 171 -9.60 8.19 6.05
CA ARG B 171 -8.30 8.65 6.55
C ARG B 171 -8.52 9.66 7.68
N LEU B 172 -8.18 9.25 8.90
CA LEU B 172 -8.41 10.09 10.07
C LEU B 172 -7.27 11.08 10.31
N ALA B 173 -7.63 12.31 10.69
CA ALA B 173 -6.69 13.24 11.28
C ALA B 173 -6.42 12.83 12.72
N ASN B 174 -6.00 13.75 13.58
CA ASN B 174 -5.80 13.41 14.98
C ASN B 174 -7.14 13.43 15.68
N ILE B 175 -7.47 12.33 16.37
CA ILE B 175 -8.75 12.15 17.05
C ILE B 175 -8.48 12.19 18.55
N ILE B 176 -9.23 13.02 19.29
CA ILE B 176 -8.99 13.16 20.71
C ILE B 176 -10.32 13.12 21.47
N GLY B 177 -10.27 12.72 22.73
CA GLY B 177 -11.45 12.70 23.56
C GLY B 177 -11.30 11.73 24.71
N LYS B 178 -12.42 11.57 25.44
CA LYS B 178 -12.47 10.65 26.57
C LYS B 178 -12.11 9.24 26.15
N ARG B 179 -11.45 8.52 27.06
CA ARG B 179 -10.93 7.15 26.97
C ARG B 179 -9.63 7.11 26.20
N SER B 180 -9.21 8.20 25.59
CA SER B 180 -7.92 8.21 24.90
C SER B 180 -6.80 8.14 25.93
N ASN B 181 -5.84 7.25 25.69
CA ASN B 181 -4.64 7.12 26.49
C ASN B 181 -3.42 7.27 25.61
N HIS B 182 -3.56 8.05 24.54
CA HIS B 182 -2.51 8.29 23.58
C HIS B 182 -2.45 9.77 23.30
N GLY B 183 -1.32 10.20 22.77
CA GLY B 183 -1.26 11.53 22.24
C GLY B 183 -0.81 12.58 23.23
N VAL B 184 -0.78 13.79 22.67
CA VAL B 184 -0.10 14.91 23.29
C VAL B 184 -0.86 15.41 24.51
N ILE B 185 -2.19 15.41 24.46
CA ILE B 185 -2.97 15.94 25.57
C ILE B 185 -2.82 15.05 26.80
N TYR B 186 -3.02 13.75 26.62
CA TYR B 186 -2.81 12.79 27.70
C TYR B 186 -1.39 12.89 28.26
N ASP B 187 -0.39 12.94 27.37
CA ASP B 187 0.99 13.04 27.86
C ASP B 187 1.19 14.32 28.65
N PHE B 188 0.66 15.45 28.16
CA PHE B 188 0.84 16.73 28.84
C PHE B 188 0.18 16.72 30.21
N ILE B 189 -1.03 16.15 30.31
CA ILE B 189 -1.71 16.10 31.60
C ILE B 189 -0.92 15.25 32.59
N ASN B 190 -0.44 14.09 32.15
CA ASN B 190 0.28 13.26 33.10
C ASN B 190 1.63 13.84 33.46
N LYS B 191 2.29 14.54 32.53
CA LYS B 191 3.53 15.22 32.85
C LYS B 191 3.31 16.32 33.87
N LEU B 192 2.26 17.11 33.70
CA LEU B 192 1.98 18.18 34.66
C LEU B 192 1.42 17.65 35.98
N LYS B 193 0.82 16.46 35.98
CA LYS B 193 0.47 15.82 37.24
C LYS B 193 1.70 15.34 37.99
N ALA B 194 2.70 14.85 37.25
CA ALA B 194 3.93 14.39 37.90
C ALA B 194 4.75 15.57 38.40
N ASN B 195 4.77 16.69 37.66
CA ASN B 195 5.51 17.88 38.03
C ASN B 195 4.82 19.11 37.46
N PRO B 196 4.13 19.90 38.29
CA PRO B 196 3.35 21.04 37.75
C PRO B 196 4.22 22.19 37.24
N ASN B 197 5.53 22.16 37.46
CA ASN B 197 6.35 23.33 37.20
C ASN B 197 6.97 23.36 35.81
N GLU B 198 7.08 22.22 35.14
CA GLU B 198 7.78 22.14 33.87
C GLU B 198 7.03 21.20 32.94
N LEU B 199 7.11 21.48 31.64
CA LEU B 199 6.49 20.63 30.63
C LEU B 199 7.49 20.42 29.51
N GLU B 200 8.05 19.21 29.43
CA GLU B 200 8.95 18.82 28.36
C GLU B 200 8.15 18.52 27.10
N ILE B 201 8.37 19.29 26.04
CA ILE B 201 7.64 19.17 24.80
C ILE B 201 8.59 18.63 23.72
N LEU B 202 8.24 17.47 23.15
CA LEU B 202 9.05 16.87 22.10
C LEU B 202 8.92 17.68 20.82
N GLY B 203 10.05 18.00 20.20
CA GLY B 203 10.03 18.84 19.03
C GLY B 203 10.15 20.31 19.40
N ASP B 204 9.81 21.16 18.42
CA ASP B 204 9.92 22.60 18.56
C ASP B 204 8.60 23.29 18.90
N GLY B 205 7.49 22.54 18.98
CA GLY B 205 6.20 23.09 19.32
C GLY B 205 5.43 23.74 18.18
N THR B 206 6.00 23.78 16.97
CA THR B 206 5.32 24.39 15.84
C THR B 206 4.57 23.41 14.96
N GLN B 207 4.67 22.10 15.22
CA GLN B 207 3.94 21.13 14.42
C GLN B 207 2.45 21.46 14.47
N ARG B 208 1.84 21.60 13.29
CA ARG B 208 0.45 22.03 13.16
C ARG B 208 -0.37 20.91 12.58
N LYS B 209 -1.44 20.52 13.28
CA LYS B 209 -2.23 19.36 12.93
C LYS B 209 -3.71 19.63 13.19
N SER B 210 -4.55 18.99 12.37
CA SER B 210 -5.99 19.07 12.51
C SER B 210 -6.47 18.06 13.55
N TYR B 211 -7.23 18.55 14.54
CA TYR B 211 -7.74 17.72 15.63
C TYR B 211 -9.26 17.68 15.56
N LEU B 212 -9.81 16.48 15.73
CA LEU B 212 -11.24 16.25 15.77
C LEU B 212 -11.61 15.60 17.09
N HIS B 213 -12.64 16.13 17.75
CA HIS B 213 -13.13 15.45 18.94
C HIS B 213 -13.83 14.14 18.57
N ILE B 214 -13.77 13.17 19.49
CA ILE B 214 -14.33 11.84 19.20
C ILE B 214 -15.81 11.93 18.81
N SER B 215 -16.56 12.86 19.41
CA SER B 215 -17.99 12.93 19.10
C SER B 215 -18.21 13.24 17.61
N ASP B 216 -17.50 14.25 17.10
CA ASP B 216 -17.57 14.57 15.68
C ASP B 216 -17.05 13.41 14.82
N THR B 217 -16.01 12.71 15.31
CA THR B 217 -15.42 11.62 14.55
C THR B 217 -16.40 10.47 14.36
N ILE B 218 -17.09 10.07 15.43
CA ILE B 218 -18.10 9.02 15.32
C ILE B 218 -19.25 9.49 14.45
N ASP B 219 -19.72 10.74 14.63
CA ASP B 219 -20.74 11.25 13.72
C ASP B 219 -20.31 11.11 12.27
N GLY B 220 -19.06 11.46 11.98
CA GLY B 220 -18.58 11.40 10.60
C GLY B 220 -18.46 9.97 10.10
N ILE B 221 -17.98 9.06 10.96
CA ILE B 221 -17.91 7.67 10.54
C ILE B 221 -19.28 7.15 10.18
N MET B 222 -20.30 7.46 11.02
CA MET B 222 -21.65 6.98 10.72
C MET B 222 -22.25 7.65 9.49
N LYS B 223 -22.07 8.97 9.33
CA LYS B 223 -22.57 9.65 8.14
C LYS B 223 -21.97 9.05 6.86
N LEU B 224 -20.64 8.88 6.86
CA LEU B 224 -20.00 8.29 5.69
C LEU B 224 -20.49 6.86 5.48
N PHE B 225 -20.66 6.09 6.56
CA PHE B 225 -21.11 4.71 6.41
C PHE B 225 -22.51 4.64 5.80
N GLU B 226 -23.43 5.47 6.29
CA GLU B 226 -24.80 5.43 5.75
C GLU B 226 -24.81 5.90 4.30
N HIS B 227 -24.04 6.94 3.99
CA HIS B 227 -23.94 7.40 2.61
C HIS B 227 -23.38 6.29 1.72
N PHE B 228 -22.34 5.62 2.18
CA PHE B 228 -21.70 4.55 1.43
C PHE B 228 -22.67 3.41 1.18
N LEU B 229 -23.46 3.05 2.22
CA LEU B 229 -24.48 2.01 2.07
C LEU B 229 -25.45 2.35 0.96
N ASN B 230 -25.79 3.63 0.80
CA ASN B 230 -26.73 3.98 -0.25
C ASN B 230 -26.09 4.14 -1.62
N GLY B 231 -24.76 4.04 -1.72
CA GLY B 231 -24.07 4.24 -2.96
C GLY B 231 -23.73 2.93 -3.66
N GLU B 232 -22.99 3.05 -4.76
CA GLU B 232 -22.59 1.95 -5.61
C GLU B 232 -21.07 1.77 -5.66
N GLU B 233 -20.31 2.68 -5.07
CA GLU B 233 -18.85 2.63 -5.22
C GLU B 233 -18.32 1.37 -4.55
N ARG B 234 -17.49 0.63 -5.26
CA ARG B 234 -16.90 -0.57 -4.66
C ARG B 234 -15.92 -0.20 -3.55
N VAL B 235 -15.03 0.74 -3.82
CA VAL B 235 -14.08 1.27 -2.85
C VAL B 235 -14.20 2.77 -2.86
N ASP B 236 -14.35 3.37 -1.68
CA ASP B 236 -14.47 4.83 -1.57
C ASP B 236 -13.54 5.34 -0.49
N PHE B 237 -12.88 6.47 -0.77
CA PHE B 237 -11.89 7.09 0.12
C PHE B 237 -12.41 8.43 0.64
N TYR B 238 -12.37 8.62 1.96
CA TYR B 238 -12.75 9.90 2.58
C TYR B 238 -11.70 10.31 3.60
N ASN B 239 -11.35 11.59 3.62
CA ASN B 239 -10.69 12.23 4.75
C ASN B 239 -11.70 12.58 5.82
N LEU B 240 -11.26 12.47 7.07
CA LEU B 240 -12.08 12.91 8.19
C LEU B 240 -11.13 13.66 9.12
N GLY B 241 -11.27 14.99 9.13
CA GLY B 241 -10.46 15.82 10.00
C GLY B 241 -11.18 17.12 10.31
N ASN B 242 -10.49 18.08 10.89
CA ASN B 242 -11.15 19.35 11.16
C ASN B 242 -10.97 20.33 10.00
N GLU B 243 -11.71 21.44 10.06
CA GLU B 243 -11.53 22.56 9.15
C GLU B 243 -10.25 23.33 9.43
N ASP B 244 -9.73 23.24 10.64
CA ASP B 244 -8.59 24.06 11.02
C ASP B 244 -7.53 23.19 11.67
N TRP B 245 -6.51 23.83 12.25
CA TRP B 245 -5.41 23.12 12.89
C TRP B 245 -4.87 23.97 14.04
N ILE B 246 -3.98 23.35 14.81
CA ILE B 246 -3.45 23.93 16.04
C ILE B 246 -2.05 23.38 16.28
N THR B 247 -1.20 24.17 16.92
CA THR B 247 0.18 23.74 17.16
C THR B 247 0.32 23.06 18.53
N VAL B 248 1.38 22.24 18.65
CA VAL B 248 1.67 21.56 19.91
C VAL B 248 1.82 22.56 21.05
N LYS B 249 2.47 23.70 20.76
CA LYS B 249 2.63 24.73 21.78
C LYS B 249 1.28 25.24 22.25
N GLU B 250 0.37 25.48 21.30
CA GLU B 250 -0.97 25.96 21.65
C GLU B 250 -1.71 24.92 22.49
N ILE B 251 -1.56 23.64 22.15
CA ILE B 251 -2.19 22.58 22.93
C ILE B 251 -1.66 22.60 24.36
N ALA B 252 -0.34 22.78 24.51
CA ALA B 252 0.26 22.84 25.83
C ALA B 252 -0.30 24.01 26.64
N GLU B 253 -0.48 25.16 25.98
CA GLU B 253 -1.06 26.33 26.65
C GLU B 253 -2.49 26.02 27.12
N ILE B 254 -3.29 25.40 26.26
CA ILE B 254 -4.66 25.05 26.65
C ILE B 254 -4.67 24.07 27.82
N VAL B 255 -3.79 23.07 27.78
CA VAL B 255 -3.75 22.07 28.86
C VAL B 255 -3.40 22.74 30.17
N SER B 256 -2.34 23.56 30.16
CA SER B 256 -1.92 24.31 31.35
C SER B 256 -3.07 25.13 31.90
N GLU B 257 -3.72 25.90 31.02
CA GLU B 257 -4.84 26.74 31.41
C GLU B 257 -5.93 25.94 32.12
N GLU B 258 -6.40 24.86 31.47
CA GLU B 258 -7.50 24.09 32.06
C GLU B 258 -7.11 23.42 33.38
N MET B 259 -5.82 23.17 33.60
CA MET B 259 -5.36 22.64 34.86
C MET B 259 -5.01 23.71 35.89
N ASN B 260 -5.21 25.00 35.56
CA ASN B 260 -4.85 26.11 36.44
C ASN B 260 -3.35 26.10 36.78
N LEU B 261 -2.50 25.74 35.82
CA LEU B 261 -1.07 25.67 36.05
C LEU B 261 -0.35 26.70 35.18
N ASN B 262 0.86 27.06 35.58
CA ASN B 262 1.73 27.93 34.79
C ASN B 262 3.14 27.34 34.77
N PRO B 263 3.35 26.29 33.99
CA PRO B 263 4.67 25.65 33.92
C PRO B 263 5.58 26.32 32.90
N ARG B 264 6.86 26.04 33.05
CA ARG B 264 7.87 26.40 32.05
C ARG B 264 7.88 25.36 30.94
N PHE B 265 7.80 25.83 29.70
CA PHE B 265 7.87 24.95 28.53
C PHE B 265 9.34 24.72 28.16
N LYS B 266 9.74 23.45 28.08
CA LYS B 266 11.08 23.03 27.68
C LYS B 266 10.98 22.26 26.38
N PHE B 267 11.21 22.93 25.26
CA PHE B 267 11.16 22.28 23.95
C PHE B 267 12.47 21.57 23.67
N THR B 268 12.39 20.29 23.28
CA THR B 268 13.61 19.54 23.01
C THR B 268 14.19 19.83 21.63
N GLY B 269 13.45 20.54 20.77
CA GLY B 269 13.88 20.80 19.41
C GLY B 269 13.76 19.63 18.45
N GLY B 270 13.67 18.40 18.95
CA GLY B 270 13.28 17.27 18.12
C GLY B 270 14.35 16.79 17.15
N VAL B 271 13.89 16.29 16.00
CA VAL B 271 14.74 15.76 14.95
C VAL B 271 14.15 16.09 13.58
N ASP B 272 15.00 16.02 12.55
CA ASP B 272 14.62 16.25 11.15
C ASP B 272 13.84 17.55 10.95
N GLY B 273 14.26 18.59 11.66
CA GLY B 273 13.66 19.90 11.49
C GLY B 273 12.56 20.22 12.48
N GLY B 274 12.73 19.79 13.72
CA GLY B 274 11.78 20.08 14.78
C GLY B 274 10.66 19.08 14.94
N ARG B 275 10.67 18.00 14.17
CA ARG B 275 9.69 16.94 14.37
C ARG B 275 9.89 16.30 15.73
N GLY B 276 8.79 15.82 16.31
CA GLY B 276 8.88 15.20 17.63
C GLY B 276 9.69 13.92 17.61
N TRP B 277 9.71 13.24 16.47
CA TRP B 277 10.47 12.01 16.32
C TRP B 277 10.73 11.83 14.84
N LYS B 278 11.64 10.92 14.51
CA LYS B 278 11.83 10.53 13.12
C LYS B 278 10.50 10.08 12.53
N GLY B 279 10.11 10.70 11.42
CA GLY B 279 8.90 10.31 10.72
C GLY B 279 7.64 11.05 11.10
N ASP B 280 7.70 11.99 12.05
CA ASP B 280 6.55 12.79 12.43
C ASP B 280 6.29 13.87 11.39
N VAL B 281 5.10 13.85 10.78
CA VAL B 281 4.76 14.89 9.80
C VAL B 281 4.63 16.24 10.51
N LYS B 282 5.20 17.29 9.90
CA LYS B 282 5.23 18.61 10.54
C LYS B 282 3.90 19.33 10.41
N LEU B 283 3.29 19.30 9.22
CA LEU B 283 2.06 20.01 8.91
C LEU B 283 1.05 19.01 8.38
N MET B 284 -0.13 18.99 9.00
CA MET B 284 -1.18 18.08 8.56
C MET B 284 -2.51 18.79 8.65
N LEU B 285 -3.22 18.83 7.54
CA LEU B 285 -4.56 19.41 7.52
C LEU B 285 -5.26 18.78 6.33
N LEU B 286 -6.26 17.93 6.59
CA LEU B 286 -6.93 17.20 5.53
C LEU B 286 -8.07 18.03 4.97
N SER B 287 -8.22 18.01 3.65
CA SER B 287 -9.43 18.55 3.06
C SER B 287 -10.61 17.65 3.39
N ILE B 288 -11.70 18.25 3.87
CA ILE B 288 -12.89 17.49 4.22
C ILE B 288 -14.07 17.89 3.33
N GLU B 289 -13.81 18.44 2.14
CA GLU B 289 -14.90 18.81 1.24
C GLU B 289 -15.74 17.61 0.85
N LYS B 290 -15.09 16.49 0.54
CA LYS B 290 -15.81 15.30 0.12
C LYS B 290 -16.74 14.82 1.24
N ALA B 291 -16.22 14.72 2.48
CA ALA B 291 -17.06 14.32 3.59
C ALA B 291 -18.17 15.33 3.84
N LYS B 292 -17.88 16.63 3.69
CA LYS B 292 -18.90 17.63 3.96
C LYS B 292 -20.06 17.54 2.96
N ARG B 293 -19.81 16.99 1.76
CA ARG B 293 -20.94 16.79 0.85
C ARG B 293 -21.94 15.76 1.35
N THR B 294 -21.58 14.91 2.31
CA THR B 294 -22.59 14.03 2.90
C THR B 294 -23.45 14.74 3.92
N GLY B 295 -23.19 16.00 4.22
CA GLY B 295 -23.89 16.71 5.29
C GLY B 295 -23.16 16.75 6.62
N TRP B 296 -22.12 15.96 6.79
CA TRP B 296 -21.32 16.02 8.00
C TRP B 296 -20.50 17.31 8.07
N LYS B 297 -20.36 17.85 9.27
CA LYS B 297 -19.33 18.86 9.48
C LYS B 297 -18.95 18.86 10.95
N PRO B 298 -17.70 19.18 11.29
CA PRO B 298 -17.30 19.19 12.70
C PRO B 298 -18.01 20.29 13.48
N ARG B 299 -18.52 19.94 14.65
CA ARG B 299 -19.15 20.95 15.48
C ARG B 299 -18.13 21.77 16.25
N MET B 300 -16.98 21.19 16.56
CA MET B 300 -15.96 21.87 17.35
C MET B 300 -14.69 21.98 16.53
N ASN B 301 -14.06 23.14 16.56
CA ASN B 301 -12.79 23.28 15.87
C ASN B 301 -11.69 22.65 16.71
N SER B 302 -10.44 22.72 16.21
CA SER B 302 -9.34 22.06 16.90
C SER B 302 -9.20 22.58 18.32
N TYR B 303 -9.33 23.89 18.51
CA TYR B 303 -9.19 24.49 19.83
C TYR B 303 -10.29 24.03 20.78
N GLU B 304 -11.54 24.02 20.29
CA GLU B 304 -12.66 23.55 21.08
C GLU B 304 -12.55 22.06 21.38
N ALA B 305 -12.08 21.27 20.41
CA ALA B 305 -11.90 19.83 20.63
C ALA B 305 -10.87 19.57 21.72
N VAL B 306 -9.74 20.28 21.65
CA VAL B 306 -8.71 20.16 22.68
C VAL B 306 -9.29 20.54 24.03
N ARG B 307 -9.99 21.68 24.11
CA ARG B 307 -10.54 22.13 25.39
C ARG B 307 -11.51 21.10 25.99
N LYS B 308 -12.41 20.56 25.16
CA LYS B 308 -13.36 19.58 25.67
C LYS B 308 -12.66 18.28 26.11
N THR B 309 -11.69 17.84 25.33
CA THR B 309 -10.93 16.63 25.68
C THR B 309 -10.25 16.79 27.03
N VAL B 310 -9.60 17.94 27.24
CA VAL B 310 -8.93 18.19 28.50
C VAL B 310 -9.94 18.13 29.64
N ARG B 311 -11.08 18.82 29.50
CA ARG B 311 -12.10 18.75 30.55
C ARG B 311 -12.55 17.32 30.83
N GLU B 312 -12.82 16.55 29.77
CA GLU B 312 -13.24 15.14 29.95
C GLU B 312 -12.17 14.33 30.66
N MET B 313 -10.90 14.53 30.31
CA MET B 313 -9.84 13.73 30.90
C MET B 313 -9.61 14.11 32.35
N LEU B 314 -9.86 15.36 32.70
CA LEU B 314 -9.71 15.78 34.08
C LEU B 314 -10.86 15.31 34.96
N GLU B 315 -12.00 14.92 34.37
CA GLU B 315 -13.11 14.41 35.18
C GLU B 315 -12.69 13.07 35.77
#